data_5D7Y
#
_entry.id   5D7Y
#
_cell.length_a   529.375
_cell.length_b   367.411
_cell.length_c   542.002
_cell.angle_alpha   90.00
_cell.angle_beta   104.79
_cell.angle_gamma   90.00
#
_symmetry.space_group_name_H-M   'C 1 2 1'
#
loop_
_entity.id
_entity.type
_entity.pdbx_description
1 polymer 'Capsid protein'
2 non-polymer 'methyl (4R)-4-(2-chloro-4-fluorophenyl)-6-{[4-(3-hydroxypenta-1,4-diyn-3-yl)piperidin-1-yl]methyl}-2-(pyridin-2-yl)-1,4-dihydropyrimidine-5-carboxylate'
#
_entity_poly.entity_id   1
_entity_poly.type   'polypeptide(L)'
_entity_poly.pdbx_seq_one_letter_code
;MDIDPYKEFGATVELLSFLPSDFFPSVRDLLDTAAALYRDALESPEHASPHHTALRQAILAWGDLMTLATWVGTNLEDPA
SRDLVVSYVNTNMGLKFRQLLWFHISALTFGRETVLEYLVSFGVWIRTPPAYRPPNAPILSTLPETTVVC
;
_entity_poly.pdbx_strand_id   A,B,C,D
#
# COMPACT_ATOMS: atom_id res chain seq x y z
N MET A 1 -1.16 -6.19 1.82
CA MET A 1 -2.19 -6.17 0.79
C MET A 1 -3.23 -7.27 0.99
N ASP A 2 -4.44 -7.01 0.54
CA ASP A 2 -5.56 -7.91 0.79
C ASP A 2 -6.03 -8.56 -0.51
N ILE A 3 -5.43 -9.70 -0.85
CA ILE A 3 -5.80 -10.41 -2.07
C ILE A 3 -7.00 -11.32 -1.81
N ASP A 4 -7.96 -11.30 -2.73
CA ASP A 4 -9.09 -12.22 -2.67
C ASP A 4 -8.96 -13.23 -3.79
N PRO A 5 -8.91 -14.53 -3.44
CA PRO A 5 -8.66 -15.62 -4.40
C PRO A 5 -9.73 -15.68 -5.49
N TYR A 6 -10.89 -15.10 -5.22
CA TYR A 6 -12.04 -15.24 -6.10
C TYR A 6 -12.42 -13.96 -6.81
N LYS A 7 -11.75 -12.86 -6.47
CA LYS A 7 -12.12 -11.55 -7.00
C LYS A 7 -12.04 -11.45 -8.52
N GLU A 8 -10.92 -11.93 -9.07
CA GLU A 8 -10.70 -11.83 -10.51
C GLU A 8 -11.66 -12.69 -11.33
N PHE A 9 -12.22 -13.72 -10.69
CA PHE A 9 -13.10 -14.65 -11.40
C PHE A 9 -14.57 -14.26 -11.32
N GLY A 10 -14.84 -13.03 -10.90
CA GLY A 10 -16.19 -12.51 -10.84
C GLY A 10 -16.92 -12.87 -9.56
N ALA A 11 -16.24 -13.63 -8.71
CA ALA A 11 -16.80 -14.02 -7.43
C ALA A 11 -16.20 -13.20 -6.30
N THR A 12 -16.47 -13.61 -5.07
CA THR A 12 -15.88 -13.01 -3.88
C THR A 12 -15.98 -13.99 -2.72
N VAL A 13 -15.15 -13.79 -1.70
CA VAL A 13 -15.18 -14.66 -0.54
C VAL A 13 -16.50 -14.52 0.22
N GLU A 14 -17.12 -13.35 0.08
CA GLU A 14 -18.46 -13.10 0.59
C GLU A 14 -19.43 -14.13 -0.01
N LEU A 15 -19.50 -14.12 -1.33
CA LEU A 15 -20.45 -14.93 -2.08
C LEU A 15 -20.31 -16.43 -1.80
N LEU A 16 -19.11 -16.84 -1.39
CA LEU A 16 -18.86 -18.25 -1.12
C LEU A 16 -19.15 -18.63 0.34
N SER A 17 -19.44 -17.63 1.16
CA SER A 17 -19.88 -17.88 2.53
C SER A 17 -21.36 -18.26 2.51
N PHE A 18 -22.00 -18.06 1.36
CA PHE A 18 -23.36 -18.52 1.14
C PHE A 18 -23.41 -20.03 1.37
N LEU A 19 -22.53 -20.74 0.69
CA LEU A 19 -22.41 -22.18 0.86
C LEU A 19 -21.98 -22.50 2.28
N PRO A 20 -22.66 -23.47 2.91
CA PRO A 20 -22.27 -23.94 4.24
C PRO A 20 -20.93 -24.65 4.17
N SER A 21 -20.09 -24.46 5.19
CA SER A 21 -18.73 -25.00 5.18
C SER A 21 -18.68 -26.52 5.11
N ASP A 22 -19.83 -27.17 5.35
CA ASP A 22 -19.90 -28.63 5.28
C ASP A 22 -20.49 -29.10 3.95
N PHE A 23 -20.54 -28.22 2.97
CA PHE A 23 -20.84 -28.62 1.60
C PHE A 23 -19.56 -29.22 1.02
N PHE A 24 -18.89 -28.46 0.16
CA PHE A 24 -17.64 -28.83 -0.53
C PHE A 24 -17.08 -30.22 -0.21
N PRO A 25 -17.28 -31.17 -1.14
CA PRO A 25 -16.79 -32.55 -1.01
C PRO A 25 -15.32 -32.67 -0.56
N SER A 26 -14.93 -33.87 -0.13
CA SER A 26 -13.60 -34.12 0.40
C SER A 26 -12.50 -33.74 -0.58
N VAL A 27 -11.32 -33.42 -0.04
CA VAL A 27 -10.17 -33.07 -0.86
C VAL A 27 -9.81 -34.24 -1.77
N ARG A 28 -10.01 -35.45 -1.27
CA ARG A 28 -9.79 -36.66 -2.04
C ARG A 28 -10.67 -36.64 -3.28
N ASP A 29 -11.98 -36.49 -3.06
CA ASP A 29 -12.95 -36.44 -4.15
C ASP A 29 -12.64 -35.33 -5.16
N LEU A 30 -12.21 -34.18 -4.66
CA LEU A 30 -11.88 -33.04 -5.52
C LEU A 30 -10.71 -33.34 -6.44
N LEU A 31 -9.57 -33.73 -5.86
CA LEU A 31 -8.38 -34.02 -6.63
C LEU A 31 -8.58 -35.19 -7.58
N ASP A 32 -9.43 -36.14 -7.18
CA ASP A 32 -9.75 -37.28 -8.04
C ASP A 32 -10.53 -36.83 -9.27
N THR A 33 -11.50 -35.94 -9.05
CA THR A 33 -12.31 -35.40 -10.14
C THR A 33 -11.48 -34.48 -11.04
N ALA A 34 -10.42 -33.93 -10.46
CA ALA A 34 -9.52 -33.08 -11.22
C ALA A 34 -8.78 -33.90 -12.27
N ALA A 35 -8.12 -34.97 -11.83
CA ALA A 35 -7.37 -35.83 -12.73
C ALA A 35 -8.28 -36.71 -13.57
N ALA A 36 -9.59 -36.53 -13.43
CA ALA A 36 -10.56 -37.29 -14.19
C ALA A 36 -10.52 -36.94 -15.67
N LEU A 37 -10.76 -35.67 -15.98
CA LEU A 37 -10.77 -35.22 -17.37
C LEU A 37 -10.08 -33.87 -17.55
N TYR A 38 -9.18 -33.55 -16.63
CA TYR A 38 -8.41 -32.31 -16.72
C TYR A 38 -6.95 -32.62 -16.47
N ARG A 39 -6.70 -33.89 -16.18
CA ARG A 39 -5.36 -34.42 -15.98
C ARG A 39 -4.41 -33.96 -17.08
N ASP A 40 -4.86 -34.11 -18.32
CA ASP A 40 -4.08 -33.74 -19.49
C ASP A 40 -3.88 -32.23 -19.53
N ALA A 41 -4.97 -31.49 -19.41
CA ALA A 41 -4.95 -30.03 -19.51
C ALA A 41 -4.13 -29.38 -18.40
N LEU A 42 -4.13 -29.97 -17.22
CA LEU A 42 -3.42 -29.42 -16.09
C LEU A 42 -1.90 -29.58 -16.23
N GLU A 43 -1.48 -30.67 -16.86
CA GLU A 43 -0.07 -30.93 -17.06
C GLU A 43 0.42 -30.32 -18.37
N SER A 44 -0.50 -29.71 -19.11
CA SER A 44 -0.19 -29.05 -20.37
C SER A 44 0.80 -27.90 -20.17
N PRO A 45 1.64 -27.63 -21.19
CA PRO A 45 2.59 -26.52 -21.12
C PRO A 45 1.99 -25.17 -21.52
N GLU A 46 0.67 -25.11 -21.66
CA GLU A 46 0.01 -23.84 -21.98
C GLU A 46 -1.19 -23.54 -21.08
N HIS A 47 -1.14 -22.38 -20.42
CA HIS A 47 -2.22 -21.93 -19.55
C HIS A 47 -3.53 -21.87 -20.32
N ALA A 48 -4.35 -22.90 -20.12
CA ALA A 48 -5.62 -23.02 -20.83
C ALA A 48 -6.58 -21.89 -20.49
N SER A 49 -6.49 -21.40 -19.26
CA SER A 49 -7.35 -20.32 -18.78
C SER A 49 -6.76 -19.77 -17.49
N PRO A 50 -7.28 -18.64 -17.00
CA PRO A 50 -6.88 -18.23 -15.65
C PRO A 50 -7.38 -19.22 -14.60
N HIS A 51 -8.48 -19.91 -14.90
CA HIS A 51 -9.01 -20.94 -14.01
C HIS A 51 -8.02 -22.10 -13.88
N HIS A 52 -7.55 -22.58 -15.02
CA HIS A 52 -6.57 -23.66 -15.04
C HIS A 52 -5.33 -23.31 -14.24
N THR A 53 -4.88 -22.06 -14.37
CA THR A 53 -3.68 -21.60 -13.69
C THR A 53 -3.83 -21.66 -12.18
N ALA A 54 -4.93 -21.11 -11.67
CA ALA A 54 -5.18 -21.08 -10.23
C ALA A 54 -5.37 -22.49 -9.68
N LEU A 55 -5.98 -23.35 -10.48
CA LEU A 55 -6.20 -24.75 -10.09
C LEU A 55 -4.87 -25.48 -9.92
N ARG A 56 -3.93 -25.19 -10.81
CA ARG A 56 -2.59 -25.77 -10.71
C ARG A 56 -1.89 -25.28 -9.45
N GLN A 57 -1.91 -23.96 -9.22
CA GLN A 57 -1.26 -23.35 -8.07
C GLN A 57 -1.90 -23.76 -6.75
N ALA A 58 -3.17 -24.13 -6.81
CA ALA A 58 -3.90 -24.57 -5.62
C ALA A 58 -3.59 -26.03 -5.28
N ILE A 59 -3.55 -26.87 -6.31
CA ILE A 59 -3.22 -28.28 -6.16
C ILE A 59 -1.82 -28.47 -5.59
N LEU A 60 -0.89 -27.65 -6.06
CA LEU A 60 0.50 -27.74 -5.61
C LEU A 60 0.70 -27.17 -4.21
N ALA A 61 0.06 -26.03 -3.93
CA ALA A 61 0.12 -25.42 -2.61
C ALA A 61 -0.44 -26.37 -1.57
N TRP A 62 -1.39 -27.19 -1.99
CA TRP A 62 -1.93 -28.26 -1.14
C TRP A 62 -0.91 -29.38 -1.00
N GLY A 63 -0.24 -29.71 -2.11
CA GLY A 63 0.78 -30.74 -2.11
C GLY A 63 1.92 -30.41 -1.17
N ASP A 64 2.22 -29.13 -1.05
CA ASP A 64 3.22 -28.66 -0.09
C ASP A 64 2.74 -28.91 1.33
N LEU A 65 1.43 -28.87 1.54
CA LEU A 65 0.85 -29.06 2.87
C LEU A 65 0.76 -30.53 3.26
N MET A 66 0.81 -31.43 2.27
CA MET A 66 0.83 -32.86 2.55
C MET A 66 2.26 -33.33 2.77
N THR A 67 3.22 -32.58 2.24
CA THR A 67 4.63 -32.82 2.50
C THR A 67 4.95 -32.35 3.92
N LEU A 68 4.25 -31.31 4.36
CA LEU A 68 4.37 -30.79 5.71
C LEU A 68 3.73 -31.74 6.72
N ALA A 69 2.56 -32.26 6.36
CA ALA A 69 1.83 -33.17 7.24
C ALA A 69 2.59 -34.49 7.45
N THR A 70 3.48 -34.80 6.52
CA THR A 70 4.30 -36.01 6.60
C THR A 70 5.55 -35.76 7.42
N TRP A 71 6.23 -34.66 7.15
CA TRP A 71 7.45 -34.30 7.86
C TRP A 71 7.18 -34.06 9.35
N VAL A 72 5.98 -33.60 9.67
CA VAL A 72 5.59 -33.39 11.06
C VAL A 72 5.40 -34.72 11.78
N GLY A 73 4.85 -35.71 11.07
CA GLY A 73 4.62 -37.03 11.64
C GLY A 73 5.89 -37.83 11.85
N THR A 74 6.98 -37.43 11.21
CA THR A 74 8.23 -38.18 11.29
C THR A 74 9.42 -37.34 11.75
N ASN A 75 9.15 -36.26 12.45
CA ASN A 75 10.21 -35.42 13.02
C ASN A 75 9.78 -34.74 14.32
N LEU A 76 8.49 -34.85 14.63
CA LEU A 76 7.97 -34.40 15.91
C LEU A 76 7.81 -35.62 16.83
N GLU A 77 8.70 -35.75 17.80
CA GLU A 77 8.72 -36.92 18.66
C GLU A 77 7.53 -36.95 19.62
N ASP A 78 7.11 -35.78 20.08
CA ASP A 78 5.97 -35.66 21.00
C ASP A 78 4.65 -35.85 20.26
N PRO A 79 3.99 -37.01 20.48
CA PRO A 79 2.79 -37.38 19.73
C PRO A 79 1.53 -36.63 20.18
N ALA A 80 1.65 -35.83 21.23
CA ALA A 80 0.53 -35.01 21.68
C ALA A 80 0.49 -33.70 20.90
N SER A 81 1.68 -33.22 20.53
CA SER A 81 1.80 -32.00 19.75
C SER A 81 2.15 -32.31 18.30
N ARG A 82 2.26 -33.60 17.99
CA ARG A 82 2.49 -34.04 16.61
C ARG A 82 1.16 -34.29 15.92
N ASP A 83 0.21 -34.85 16.67
CA ASP A 83 -1.12 -35.13 16.13
C ASP A 83 -2.06 -33.94 16.31
N LEU A 84 -1.53 -32.85 16.84
CA LEU A 84 -2.27 -31.62 16.96
C LEU A 84 -2.05 -30.78 15.70
N VAL A 85 -0.94 -31.05 15.03
CA VAL A 85 -0.58 -30.35 13.80
C VAL A 85 -1.13 -31.08 12.56
N VAL A 86 -0.92 -32.40 12.50
CA VAL A 86 -1.38 -33.21 11.38
C VAL A 86 -2.92 -33.22 11.30
N SER A 87 -3.57 -32.71 12.34
CA SER A 87 -5.02 -32.58 12.34
C SER A 87 -5.45 -31.25 11.72
N TYR A 88 -4.81 -30.16 12.15
CA TYR A 88 -5.15 -28.81 11.69
C TYR A 88 -4.95 -28.65 10.18
N VAL A 89 -3.89 -29.25 9.65
CA VAL A 89 -3.60 -29.17 8.22
C VAL A 89 -4.64 -29.92 7.39
N ASN A 90 -5.04 -31.10 7.87
CA ASN A 90 -6.02 -31.93 7.16
C ASN A 90 -7.47 -31.58 7.47
N THR A 91 -7.68 -30.58 8.32
CA THR A 91 -9.04 -30.19 8.71
C THR A 91 -9.34 -28.72 8.40
N ASN A 92 -8.70 -27.82 9.14
CA ASN A 92 -8.99 -26.40 9.05
C ASN A 92 -8.44 -25.77 7.78
N MET A 93 -7.16 -26.03 7.50
CA MET A 93 -6.52 -25.52 6.30
C MET A 93 -7.08 -26.18 5.05
N GLY A 94 -7.54 -27.43 5.22
CA GLY A 94 -8.10 -28.18 4.13
C GLY A 94 -9.41 -27.60 3.63
N LEU A 95 -10.11 -26.86 4.49
CA LEU A 95 -11.37 -26.26 4.11
C LEU A 95 -11.21 -25.17 3.05
N LYS A 96 -10.19 -24.33 3.23
CA LYS A 96 -9.91 -23.28 2.25
C LYS A 96 -9.50 -23.91 0.93
N PHE A 97 -8.77 -25.01 0.99
CA PHE A 97 -8.35 -25.75 -0.21
C PHE A 97 -9.44 -26.69 -0.71
N ARG A 98 -10.62 -26.62 -0.11
CA ARG A 98 -11.78 -27.35 -0.61
C ARG A 98 -12.71 -26.41 -1.35
N GLN A 99 -12.89 -25.21 -0.82
CA GLN A 99 -13.66 -24.17 -1.48
C GLN A 99 -12.98 -23.82 -2.79
N LEU A 100 -11.67 -23.59 -2.72
CA LEU A 100 -10.88 -23.22 -3.88
C LEU A 100 -10.89 -24.33 -4.92
N LEU A 101 -10.70 -25.57 -4.47
CA LEU A 101 -10.69 -26.72 -5.38
C LEU A 101 -12.05 -26.98 -6.01
N TRP A 102 -13.13 -26.74 -5.25
CA TRP A 102 -14.46 -26.93 -5.80
C TRP A 102 -14.77 -25.85 -6.83
N PHE A 103 -14.60 -24.61 -6.43
CA PHE A 103 -14.92 -23.45 -7.26
C PHE A 103 -14.29 -23.51 -8.65
N HIS A 104 -12.99 -23.77 -8.70
CA HIS A 104 -12.26 -23.79 -9.96
C HIS A 104 -12.59 -25.00 -10.84
N ILE A 105 -12.74 -26.17 -10.22
CA ILE A 105 -13.09 -27.37 -10.96
C ILE A 105 -14.53 -27.30 -11.47
N SER A 106 -15.42 -26.74 -10.65
CA SER A 106 -16.82 -26.57 -11.05
C SER A 106 -16.95 -25.63 -12.25
N ALA A 107 -16.07 -24.63 -12.30
CA ALA A 107 -16.08 -23.66 -13.40
C ALA A 107 -15.59 -24.30 -14.70
N LEU A 108 -14.51 -25.08 -14.61
CA LEU A 108 -13.97 -25.77 -15.77
C LEU A 108 -14.96 -26.82 -16.31
N THR A 109 -15.91 -27.20 -15.47
CA THR A 109 -16.88 -28.21 -15.81
C THR A 109 -18.17 -27.60 -16.38
N PHE A 110 -18.62 -26.51 -15.78
CA PHE A 110 -19.93 -25.96 -16.10
C PHE A 110 -19.91 -24.53 -16.67
N GLY A 111 -18.81 -23.82 -16.43
CA GLY A 111 -18.70 -22.44 -16.89
C GLY A 111 -18.78 -21.45 -15.74
N ARG A 112 -17.91 -20.45 -15.76
CA ARG A 112 -17.81 -19.51 -14.65
C ARG A 112 -19.09 -18.72 -14.40
N GLU A 113 -19.86 -18.47 -15.45
CA GLU A 113 -21.13 -17.76 -15.30
C GLU A 113 -22.20 -18.67 -14.72
N THR A 114 -22.12 -19.96 -15.04
CA THR A 114 -23.05 -20.93 -14.52
C THR A 114 -22.79 -21.14 -13.02
N VAL A 115 -21.52 -21.14 -12.64
CA VAL A 115 -21.12 -21.30 -11.25
C VAL A 115 -21.57 -20.12 -10.40
N LEU A 116 -21.35 -18.91 -10.90
CA LEU A 116 -21.74 -17.71 -10.18
C LEU A 116 -23.25 -17.63 -9.97
N GLU A 117 -24.01 -18.18 -10.91
CA GLU A 117 -25.46 -18.24 -10.77
C GLU A 117 -25.87 -19.32 -9.78
N TYR A 118 -25.06 -20.36 -9.67
CA TYR A 118 -25.29 -21.42 -8.71
C TYR A 118 -25.10 -20.90 -7.29
N LEU A 119 -24.03 -20.14 -7.08
CA LEU A 119 -23.75 -19.54 -5.78
C LEU A 119 -24.88 -18.64 -5.31
N VAL A 120 -25.55 -18.00 -6.25
CA VAL A 120 -26.68 -17.14 -5.92
C VAL A 120 -27.95 -17.95 -5.68
N SER A 121 -28.24 -18.88 -6.59
CA SER A 121 -29.42 -19.73 -6.48
C SER A 121 -29.41 -20.58 -5.23
N PHE A 122 -28.22 -20.96 -4.79
CA PHE A 122 -28.05 -21.73 -3.55
C PHE A 122 -28.37 -20.84 -2.36
N GLY A 123 -27.94 -19.58 -2.44
CA GLY A 123 -28.15 -18.63 -1.37
C GLY A 123 -29.59 -18.19 -1.21
N VAL A 124 -30.47 -18.75 -2.05
CA VAL A 124 -31.89 -18.53 -1.91
C VAL A 124 -32.48 -19.73 -1.19
N TRP A 125 -32.04 -20.91 -1.58
CA TRP A 125 -32.49 -22.16 -0.97
C TRP A 125 -32.00 -22.28 0.47
N ILE A 126 -30.70 -22.08 0.67
CA ILE A 126 -30.10 -22.21 2.00
C ILE A 126 -30.67 -21.18 2.97
N ARG A 127 -31.12 -20.04 2.45
CA ARG A 127 -31.67 -18.98 3.28
C ARG A 127 -33.19 -18.98 3.27
N THR A 128 -33.78 -19.95 2.55
CA THR A 128 -35.22 -20.14 2.56
C THR A 128 -35.61 -20.94 3.80
N PRO A 129 -36.56 -20.43 4.59
CA PRO A 129 -37.05 -21.03 5.83
C PRO A 129 -37.38 -22.51 5.68
N PRO A 130 -36.93 -23.33 6.63
CA PRO A 130 -37.01 -24.81 6.63
C PRO A 130 -38.40 -25.35 6.28
N ALA A 131 -39.44 -24.58 6.59
CA ALA A 131 -40.82 -25.01 6.34
C ALA A 131 -41.10 -25.18 4.85
N TYR A 132 -40.74 -24.17 4.06
CA TYR A 132 -41.02 -24.18 2.63
C TYR A 132 -39.82 -24.60 1.81
N ARG A 133 -38.66 -24.69 2.46
CA ARG A 133 -37.43 -25.09 1.81
C ARG A 133 -37.59 -26.45 1.12
N PRO A 134 -37.57 -26.45 -0.23
CA PRO A 134 -37.82 -27.65 -1.04
C PRO A 134 -36.86 -28.78 -0.70
N PRO A 135 -37.35 -30.03 -0.72
CA PRO A 135 -36.64 -31.24 -0.31
C PRO A 135 -35.25 -31.38 -0.93
N ASN A 136 -35.15 -31.06 -2.22
CA ASN A 136 -33.89 -31.16 -2.93
C ASN A 136 -33.16 -29.82 -3.03
N ALA A 137 -31.86 -29.84 -2.72
CA ALA A 137 -31.03 -28.66 -2.88
C ALA A 137 -30.75 -28.46 -4.36
N PRO A 138 -30.50 -27.21 -4.78
CA PRO A 138 -30.09 -26.99 -6.17
C PRO A 138 -28.70 -27.60 -6.42
N ILE A 139 -28.59 -28.40 -7.47
CA ILE A 139 -27.31 -29.04 -7.79
C ILE A 139 -26.82 -28.66 -9.19
N LEU A 140 -25.53 -28.38 -9.28
CA LEU A 140 -24.89 -28.12 -10.57
C LEU A 140 -25.01 -29.34 -11.48
N SER A 141 -25.43 -29.12 -12.72
CA SER A 141 -25.60 -30.22 -13.67
C SER A 141 -25.70 -29.74 -15.11
N THR A 142 -24.82 -30.27 -15.97
CA THR A 142 -24.79 -29.99 -17.40
C THR A 142 -24.82 -28.50 -17.71
N MET B 1 -1.34 -36.26 -9.84
CA MET B 1 -0.81 -35.68 -11.07
C MET B 1 0.59 -35.11 -10.85
N ASP B 2 1.29 -34.83 -11.94
CA ASP B 2 2.62 -34.25 -11.87
C ASP B 2 2.59 -32.85 -12.47
N ILE B 3 2.31 -31.85 -11.62
CA ILE B 3 2.18 -30.49 -12.09
C ILE B 3 3.40 -29.64 -11.76
N ASP B 4 4.10 -29.18 -12.79
CA ASP B 4 5.21 -28.24 -12.63
C ASP B 4 4.63 -26.84 -12.74
N PRO B 5 4.75 -26.05 -11.66
CA PRO B 5 4.17 -24.69 -11.63
C PRO B 5 4.91 -23.73 -12.55
N TYR B 6 5.88 -24.24 -13.30
CA TYR B 6 6.67 -23.42 -14.19
C TYR B 6 6.47 -23.82 -15.66
N LYS B 7 5.83 -24.96 -15.87
CA LYS B 7 5.62 -25.49 -17.22
C LYS B 7 4.77 -24.54 -18.07
N GLU B 8 3.82 -23.87 -17.43
CA GLU B 8 2.99 -22.88 -18.09
C GLU B 8 3.84 -21.79 -18.73
N PHE B 9 4.82 -21.32 -17.96
CA PHE B 9 5.55 -20.11 -18.31
C PHE B 9 6.89 -20.39 -18.98
N GLY B 10 6.92 -21.43 -19.80
CA GLY B 10 8.09 -21.76 -20.59
C GLY B 10 9.31 -22.18 -19.78
N ALA B 11 9.11 -22.42 -18.50
CA ALA B 11 10.20 -22.82 -17.62
C ALA B 11 9.99 -24.21 -17.06
N THR B 12 10.95 -24.67 -16.27
CA THR B 12 10.84 -25.93 -15.54
C THR B 12 11.43 -25.73 -14.15
N VAL B 13 11.09 -26.62 -13.22
CA VAL B 13 11.60 -26.51 -11.86
C VAL B 13 13.07 -26.93 -11.79
N GLU B 14 13.48 -27.80 -12.70
CA GLU B 14 14.88 -28.22 -12.81
C GLU B 14 15.76 -27.02 -13.13
N LEU B 15 15.28 -26.18 -14.04
CA LEU B 15 15.96 -24.95 -14.43
C LEU B 15 16.02 -23.98 -13.26
N LEU B 16 14.98 -24.03 -12.42
CA LEU B 16 14.85 -23.11 -11.29
C LEU B 16 15.61 -23.60 -10.06
N SER B 17 16.03 -24.86 -10.09
CA SER B 17 16.70 -25.47 -8.95
C SER B 17 18.19 -25.13 -8.89
N PHE B 18 18.77 -24.87 -10.06
CA PHE B 18 20.20 -24.54 -10.15
C PHE B 18 20.57 -23.37 -9.26
N LEU B 19 19.64 -22.45 -9.10
CA LEU B 19 19.82 -21.31 -8.22
C LEU B 19 20.06 -21.79 -6.79
N PRO B 20 21.15 -21.34 -6.17
CA PRO B 20 21.48 -21.71 -4.79
C PRO B 20 20.53 -21.03 -3.80
N SER B 21 20.42 -21.57 -2.60
CA SER B 21 19.46 -21.06 -1.62
C SER B 21 19.72 -19.62 -1.17
N ASP B 22 20.96 -19.15 -1.37
CA ASP B 22 21.36 -17.81 -0.92
C ASP B 22 21.06 -16.76 -1.99
N PHE B 23 20.30 -17.15 -2.99
CA PHE B 23 20.11 -16.34 -4.19
C PHE B 23 18.88 -15.45 -4.11
N PHE B 24 17.72 -16.09 -3.93
CA PHE B 24 16.46 -15.37 -3.78
C PHE B 24 16.49 -14.57 -2.49
N PRO B 25 15.94 -13.35 -2.52
CA PRO B 25 15.91 -12.55 -1.28
C PRO B 25 14.75 -12.96 -0.37
N SER B 26 14.73 -12.42 0.85
CA SER B 26 13.80 -12.84 1.88
C SER B 26 12.33 -12.77 1.46
N VAL B 27 11.49 -13.56 2.12
CA VAL B 27 10.06 -13.58 1.83
C VAL B 27 9.42 -12.24 2.18
N ARG B 28 9.98 -11.59 3.19
CA ARG B 28 9.51 -10.27 3.61
C ARG B 28 9.79 -9.22 2.54
N ASP B 29 10.95 -9.34 1.90
CA ASP B 29 11.31 -8.44 0.81
C ASP B 29 10.54 -8.80 -0.46
N LEU B 30 10.16 -10.07 -0.57
CA LEU B 30 9.44 -10.56 -1.74
C LEU B 30 7.99 -10.10 -1.74
N LEU B 31 7.45 -9.83 -0.55
CA LEU B 31 6.08 -9.39 -0.42
C LEU B 31 6.01 -7.87 -0.33
N ASP B 32 7.06 -7.27 0.22
CA ASP B 32 7.19 -5.81 0.23
C ASP B 32 7.32 -5.31 -1.20
N THR B 33 8.05 -6.07 -2.03
CA THR B 33 8.25 -5.70 -3.42
C THR B 33 6.95 -5.84 -4.20
N ALA B 34 6.24 -6.95 -3.96
CA ALA B 34 4.99 -7.22 -4.66
C ALA B 34 3.97 -6.10 -4.46
N ALA B 35 3.74 -5.73 -3.21
CA ALA B 35 2.77 -4.70 -2.88
C ALA B 35 3.23 -3.31 -3.31
N ALA B 36 4.54 -3.11 -3.36
CA ALA B 36 5.08 -1.80 -3.69
C ALA B 36 4.83 -1.41 -5.15
N LEU B 37 4.88 -2.38 -6.05
CA LEU B 37 4.75 -2.07 -7.47
C LEU B 37 3.83 -2.99 -8.28
N TYR B 38 2.89 -3.68 -7.63
CA TYR B 38 1.91 -4.50 -8.34
C TYR B 38 0.58 -4.60 -7.63
N ARG B 39 0.51 -4.04 -6.43
CA ARG B 39 -0.68 -4.15 -5.56
C ARG B 39 -1.98 -3.74 -6.24
N ASP B 40 -1.95 -2.59 -6.90
CA ASP B 40 -3.12 -2.05 -7.58
C ASP B 40 -3.66 -3.05 -8.60
N ALA B 41 -2.75 -3.76 -9.25
CA ALA B 41 -3.11 -4.75 -10.24
C ALA B 41 -3.44 -6.10 -9.60
N LEU B 42 -2.74 -6.40 -8.49
CA LEU B 42 -2.95 -7.66 -7.79
C LEU B 42 -4.32 -7.70 -7.11
N GLU B 43 -4.77 -6.56 -6.61
CA GLU B 43 -6.06 -6.48 -5.96
C GLU B 43 -7.18 -6.22 -6.97
N SER B 44 -6.78 -5.93 -8.21
CA SER B 44 -7.73 -5.67 -9.29
C SER B 44 -8.54 -6.93 -9.64
N PRO B 45 -9.78 -6.73 -10.12
CA PRO B 45 -10.62 -7.84 -10.57
C PRO B 45 -10.35 -8.26 -12.01
N GLU B 46 -9.14 -8.00 -12.49
CA GLU B 46 -8.77 -8.38 -13.85
C GLU B 46 -7.62 -9.38 -13.85
N HIS B 47 -7.82 -10.49 -14.54
CA HIS B 47 -6.75 -11.45 -14.70
C HIS B 47 -5.67 -10.86 -15.56
N ALA B 48 -4.86 -10.03 -14.97
CA ALA B 48 -3.91 -9.21 -15.71
C ALA B 48 -3.01 -10.05 -16.60
N SER B 49 -2.79 -11.29 -16.20
CA SER B 49 -1.95 -12.22 -16.94
C SER B 49 -2.10 -13.59 -16.29
N PRO B 50 -1.53 -14.63 -16.92
CA PRO B 50 -1.42 -15.88 -16.16
C PRO B 50 -0.39 -15.71 -15.05
N HIS B 51 0.57 -14.81 -15.25
CA HIS B 51 1.60 -14.52 -14.26
C HIS B 51 0.99 -13.93 -12.99
N HIS B 52 0.15 -12.91 -13.15
CA HIS B 52 -0.51 -12.27 -12.03
C HIS B 52 -1.36 -13.26 -11.24
N THR B 53 -2.17 -14.03 -11.96
CA THR B 53 -3.07 -15.01 -11.36
C THR B 53 -2.34 -15.98 -10.43
N ALA B 54 -1.23 -16.53 -10.91
CA ALA B 54 -0.45 -17.48 -10.14
C ALA B 54 0.23 -16.81 -8.95
N LEU B 55 0.56 -15.52 -9.11
CA LEU B 55 1.20 -14.78 -8.03
C LEU B 55 0.24 -14.62 -6.85
N ARG B 56 -1.02 -14.31 -7.16
CA ARG B 56 -2.05 -14.19 -6.13
C ARG B 56 -2.22 -15.50 -5.37
N GLN B 57 -2.33 -16.60 -6.12
CA GLN B 57 -2.53 -17.92 -5.54
C GLN B 57 -1.33 -18.35 -4.70
N ALA B 58 -0.18 -17.73 -4.95
CA ALA B 58 1.02 -18.02 -4.18
C ALA B 58 1.11 -17.15 -2.93
N ILE B 59 0.87 -15.85 -3.09
CA ILE B 59 0.85 -14.91 -1.98
C ILE B 59 -0.19 -15.32 -0.95
N LEU B 60 -1.32 -15.82 -1.42
CA LEU B 60 -2.38 -16.30 -0.54
C LEU B 60 -2.00 -17.59 0.15
N ALA B 61 -1.47 -18.55 -0.62
CA ALA B 61 -1.06 -19.84 -0.08
C ALA B 61 0.02 -19.67 0.99
N TRP B 62 0.84 -18.64 0.85
CA TRP B 62 1.85 -18.34 1.86
C TRP B 62 1.24 -17.66 3.08
N GLY B 63 0.24 -16.81 2.83
CA GLY B 63 -0.49 -16.16 3.91
C GLY B 63 -1.21 -17.18 4.74
N ASP B 64 -1.54 -18.30 4.10
CA ASP B 64 -2.12 -19.45 4.79
C ASP B 64 -1.08 -20.08 5.71
N LEU B 65 0.18 -20.10 5.25
CA LEU B 65 1.27 -20.73 5.99
C LEU B 65 1.72 -19.93 7.20
N MET B 66 1.54 -18.61 7.14
CA MET B 66 1.87 -17.75 8.27
C MET B 66 0.73 -17.73 9.29
N THR B 67 -0.43 -18.22 8.87
CA THR B 67 -1.55 -18.43 9.77
C THR B 67 -1.32 -19.74 10.52
N LEU B 68 -0.60 -20.65 9.87
CA LEU B 68 -0.24 -21.93 10.47
C LEU B 68 0.83 -21.78 11.55
N ALA B 69 1.82 -20.92 11.29
CA ALA B 69 2.91 -20.71 12.23
C ALA B 69 2.48 -19.79 13.37
N THR B 70 1.40 -19.04 13.16
CA THR B 70 0.81 -18.22 14.21
C THR B 70 -0.04 -19.08 15.12
N TRP B 71 -0.71 -20.06 14.52
CA TRP B 71 -1.53 -21.01 15.26
C TRP B 71 -0.66 -21.99 16.05
N VAL B 72 0.42 -22.47 15.42
CA VAL B 72 1.34 -23.42 16.06
C VAL B 72 2.02 -22.80 17.29
N GLY B 73 2.26 -21.49 17.24
CA GLY B 73 2.86 -20.81 18.37
C GLY B 73 1.99 -20.77 19.60
N THR B 74 0.69 -20.59 19.40
CA THR B 74 -0.25 -20.44 20.52
C THR B 74 -1.25 -21.60 20.64
N ASN B 75 -0.86 -22.78 20.18
CA ASN B 75 -1.69 -23.97 20.33
C ASN B 75 -0.86 -25.23 20.56
N LEU B 76 0.32 -25.28 19.97
CA LEU B 76 1.27 -26.35 20.24
C LEU B 76 2.01 -25.99 21.52
N GLU B 77 2.15 -26.94 22.43
CA GLU B 77 2.69 -26.63 23.75
C GLU B 77 4.20 -26.77 23.85
N ASP B 78 4.71 -27.98 23.60
CA ASP B 78 6.14 -28.27 23.69
C ASP B 78 6.99 -27.29 22.87
N PRO B 79 7.73 -26.41 23.56
CA PRO B 79 8.49 -25.32 22.94
C PRO B 79 9.63 -25.80 22.03
N ALA B 80 10.09 -27.03 22.22
CA ALA B 80 11.14 -27.59 21.39
C ALA B 80 10.55 -28.25 20.15
N SER B 81 9.22 -28.42 20.15
CA SER B 81 8.53 -29.06 19.05
C SER B 81 7.75 -28.05 18.21
N ARG B 82 7.31 -26.96 18.83
CA ARG B 82 6.61 -25.91 18.11
C ARG B 82 7.59 -24.98 17.42
N ASP B 83 8.86 -25.12 17.75
CA ASP B 83 9.92 -24.37 17.10
C ASP B 83 10.65 -25.25 16.09
N LEU B 84 10.15 -26.47 15.94
CA LEU B 84 10.63 -27.39 14.91
C LEU B 84 9.73 -27.26 13.69
N VAL B 85 8.44 -27.00 13.94
CA VAL B 85 7.48 -26.74 12.89
C VAL B 85 7.65 -25.33 12.35
N VAL B 86 7.75 -24.36 13.27
CA VAL B 86 7.91 -22.96 12.92
C VAL B 86 9.20 -22.71 12.13
N SER B 87 10.21 -23.56 12.34
CA SER B 87 11.47 -23.43 11.61
C SER B 87 11.42 -24.12 10.25
N TYR B 88 10.46 -25.01 10.06
CA TYR B 88 10.31 -25.72 8.79
C TYR B 88 9.56 -24.86 7.78
N VAL B 89 8.46 -24.26 8.23
CA VAL B 89 7.69 -23.33 7.41
C VAL B 89 8.54 -22.13 7.02
N ASN B 90 9.24 -21.58 7.99
CA ASN B 90 10.04 -20.38 7.80
C ASN B 90 11.27 -20.60 6.91
N THR B 91 11.61 -21.87 6.67
CA THR B 91 12.83 -22.18 5.92
C THR B 91 12.60 -23.07 4.69
N ASN B 92 12.23 -24.32 4.91
CA ASN B 92 12.22 -25.32 3.85
C ASN B 92 11.15 -25.12 2.78
N MET B 93 9.93 -24.79 3.20
CA MET B 93 8.88 -24.46 2.25
C MET B 93 9.03 -23.00 1.82
N GLY B 94 9.62 -22.20 2.70
CA GLY B 94 9.86 -20.79 2.42
C GLY B 94 10.71 -20.59 1.19
N LEU B 95 11.69 -21.47 1.00
CA LEU B 95 12.54 -21.42 -0.19
C LEU B 95 11.72 -21.73 -1.44
N LYS B 96 10.84 -22.73 -1.35
CA LYS B 96 9.94 -23.06 -2.45
C LYS B 96 9.07 -21.87 -2.82
N PHE B 97 8.61 -21.14 -1.80
CA PHE B 97 7.80 -19.96 -2.04
C PHE B 97 8.65 -18.77 -2.48
N ARG B 98 9.90 -18.73 -2.03
CA ARG B 98 10.82 -17.69 -2.51
C ARG B 98 11.21 -17.92 -3.96
N GLN B 99 11.29 -19.20 -4.35
CA GLN B 99 11.55 -19.54 -5.75
C GLN B 99 10.39 -19.09 -6.63
N LEU B 100 9.18 -19.37 -6.19
CA LEU B 100 7.99 -19.04 -6.97
C LEU B 100 7.64 -17.56 -6.91
N LEU B 101 7.64 -16.98 -5.70
CA LEU B 101 7.33 -15.56 -5.55
C LEU B 101 8.29 -14.70 -6.35
N TRP B 102 9.54 -15.09 -6.39
CA TRP B 102 10.53 -14.36 -7.16
C TRP B 102 10.26 -14.46 -8.66
N PHE B 103 9.95 -15.67 -9.12
CA PHE B 103 9.82 -15.93 -10.56
C PHE B 103 8.72 -15.12 -11.21
N HIS B 104 7.52 -15.19 -10.65
CA HIS B 104 6.39 -14.48 -11.22
C HIS B 104 6.58 -12.96 -11.14
N ILE B 105 7.17 -12.48 -10.05
CA ILE B 105 7.44 -11.06 -9.91
C ILE B 105 8.54 -10.59 -10.88
N SER B 106 9.55 -11.43 -11.07
CA SER B 106 10.64 -11.11 -11.98
C SER B 106 10.15 -10.95 -13.42
N ALA B 107 9.35 -11.91 -13.88
CA ALA B 107 8.84 -11.91 -15.25
C ALA B 107 7.85 -10.77 -15.48
N LEU B 108 7.41 -10.12 -14.42
CA LEU B 108 6.49 -9.00 -14.53
C LEU B 108 7.21 -7.69 -14.84
N THR B 109 8.49 -7.62 -14.48
CA THR B 109 9.25 -6.39 -14.67
C THR B 109 10.34 -6.52 -15.73
N PHE B 110 10.42 -7.69 -16.35
CA PHE B 110 11.45 -7.93 -17.35
C PHE B 110 10.94 -8.76 -18.51
N GLY B 111 9.77 -9.36 -18.34
CA GLY B 111 9.19 -10.20 -19.37
C GLY B 111 9.66 -11.63 -19.24
N ARG B 112 8.76 -12.57 -19.54
CA ARG B 112 9.03 -13.99 -19.45
C ARG B 112 10.29 -14.37 -20.22
N GLU B 113 10.49 -13.74 -21.38
CA GLU B 113 11.62 -14.06 -22.24
C GLU B 113 12.97 -13.66 -21.66
N THR B 114 13.07 -12.42 -21.17
CA THR B 114 14.32 -11.93 -20.60
C THR B 114 14.69 -12.75 -19.36
N VAL B 115 13.67 -13.20 -18.64
CA VAL B 115 13.87 -14.00 -17.43
C VAL B 115 14.41 -15.39 -17.77
N LEU B 116 13.75 -16.06 -18.70
CA LEU B 116 14.17 -17.40 -19.11
C LEU B 116 15.56 -17.38 -19.72
N GLU B 117 15.87 -16.33 -20.48
CA GLU B 117 17.19 -16.16 -21.05
C GLU B 117 18.25 -16.02 -19.96
N TYR B 118 17.86 -15.42 -18.83
CA TYR B 118 18.77 -15.29 -17.70
C TYR B 118 19.03 -16.66 -17.08
N LEU B 119 17.96 -17.32 -16.67
CA LEU B 119 18.03 -18.62 -15.99
C LEU B 119 18.97 -19.58 -16.69
N VAL B 120 18.97 -19.54 -18.02
CA VAL B 120 19.89 -20.34 -18.80
C VAL B 120 21.31 -19.80 -18.67
N SER B 121 21.47 -18.50 -18.87
CA SER B 121 22.78 -17.87 -18.82
C SER B 121 23.41 -17.94 -17.43
N PHE B 122 22.58 -17.93 -16.40
CA PHE B 122 23.07 -18.09 -15.03
C PHE B 122 23.41 -19.55 -14.80
N GLY B 123 22.60 -20.43 -15.38
CA GLY B 123 22.78 -21.86 -15.25
C GLY B 123 24.17 -22.28 -15.68
N VAL B 124 24.69 -21.64 -16.73
CA VAL B 124 26.01 -21.98 -17.25
C VAL B 124 27.11 -21.27 -16.46
N TRP B 125 26.74 -20.24 -15.70
CA TRP B 125 27.70 -19.55 -14.85
C TRP B 125 27.99 -20.38 -13.60
N ILE B 126 26.93 -20.70 -12.86
CA ILE B 126 27.06 -21.47 -11.62
C ILE B 126 27.59 -22.88 -11.88
N ARG B 127 27.36 -23.40 -13.08
CA ARG B 127 27.83 -24.74 -13.44
C ARG B 127 29.31 -24.73 -13.78
N THR B 128 29.89 -23.54 -13.90
CA THR B 128 31.32 -23.40 -14.15
C THR B 128 32.08 -23.44 -12.83
N PRO B 129 33.11 -24.30 -12.75
CA PRO B 129 33.96 -24.37 -11.56
C PRO B 129 34.60 -23.02 -11.25
N PRO B 130 34.65 -22.66 -9.95
CA PRO B 130 35.08 -21.34 -9.45
C PRO B 130 36.42 -20.86 -9.99
N ALA B 131 37.31 -21.78 -10.32
CA ALA B 131 38.64 -21.43 -10.82
C ALA B 131 38.56 -20.67 -12.14
N TYR B 132 37.73 -21.17 -13.05
CA TYR B 132 37.59 -20.58 -14.37
C TYR B 132 36.37 -19.67 -14.41
N ARG B 133 35.59 -19.71 -13.34
CA ARG B 133 34.37 -18.91 -13.22
C ARG B 133 34.67 -17.42 -13.16
N PRO B 134 33.98 -16.63 -14.01
CA PRO B 134 34.04 -15.17 -13.97
C PRO B 134 33.74 -14.63 -12.58
N PRO B 135 34.37 -13.50 -12.20
CA PRO B 135 34.37 -13.00 -10.82
C PRO B 135 32.96 -12.69 -10.30
N ASN B 136 32.20 -11.93 -11.08
CA ASN B 136 30.84 -11.59 -10.69
C ASN B 136 29.80 -12.33 -11.52
N ALA B 137 28.74 -12.77 -10.86
CA ALA B 137 27.64 -13.45 -11.53
C ALA B 137 26.94 -12.51 -12.50
N PRO B 138 26.36 -13.07 -13.58
CA PRO B 138 25.58 -12.25 -14.51
C PRO B 138 24.40 -11.61 -13.79
N ILE B 139 24.09 -10.36 -14.12
CA ILE B 139 22.97 -9.68 -13.49
C ILE B 139 21.92 -9.29 -14.53
N LEU B 140 20.66 -9.26 -14.10
CA LEU B 140 19.54 -9.10 -15.01
C LEU B 140 19.19 -7.65 -15.30
N SER B 141 19.48 -7.20 -16.52
CA SER B 141 19.10 -5.86 -16.94
C SER B 141 17.86 -5.91 -17.82
N THR B 142 17.23 -4.77 -18.02
CA THR B 142 16.03 -4.68 -18.85
C THR B 142 16.40 -4.89 -20.33
N LEU B 143 17.67 -4.67 -20.64
CA LEU B 143 18.23 -4.83 -21.98
C LEU B 143 17.33 -4.32 -23.13
N MET C 1 -12.12 10.78 4.16
CA MET C 1 -11.05 11.76 4.17
C MET C 1 -9.68 11.11 4.30
N ASP C 2 -9.47 10.02 3.56
CA ASP C 2 -8.17 9.38 3.50
C ASP C 2 -7.38 10.06 2.40
N ILE C 3 -6.47 10.95 2.78
CA ILE C 3 -5.72 11.73 1.80
C ILE C 3 -4.27 11.28 1.69
N ASP C 4 -3.91 10.76 0.52
CA ASP C 4 -2.53 10.41 0.21
C ASP C 4 -1.94 11.54 -0.63
N PRO C 5 -0.90 12.20 -0.10
CA PRO C 5 -0.31 13.39 -0.74
C PRO C 5 0.52 13.02 -1.96
N TYR C 6 0.62 11.72 -2.24
CA TYR C 6 1.39 11.24 -3.37
C TYR C 6 0.49 10.71 -4.48
N LYS C 7 -0.79 10.52 -4.18
CA LYS C 7 -1.72 9.91 -5.13
C LYS C 7 -1.88 10.73 -6.41
N GLU C 8 -2.03 12.04 -6.26
CA GLU C 8 -2.18 12.92 -7.41
C GLU C 8 -0.91 12.93 -8.25
N PHE C 9 0.22 12.58 -7.65
CA PHE C 9 1.50 12.55 -8.34
C PHE C 9 1.89 11.15 -8.80
N GLY C 10 0.89 10.33 -9.10
CA GLY C 10 1.11 9.00 -9.65
C GLY C 10 1.86 8.03 -8.77
N ALA C 11 1.90 8.31 -7.47
CA ALA C 11 2.56 7.44 -6.51
C ALA C 11 1.68 7.20 -5.30
N THR C 12 2.21 6.50 -4.31
CA THR C 12 1.48 6.27 -3.06
C THR C 12 2.38 6.49 -1.85
N VAL C 13 1.79 6.48 -0.67
CA VAL C 13 2.55 6.60 0.57
C VAL C 13 3.29 5.30 0.86
N GLU C 14 2.70 4.20 0.39
CA GLU C 14 3.27 2.88 0.59
C GLU C 14 4.57 2.73 -0.20
N LEU C 15 4.63 3.37 -1.35
CA LEU C 15 5.80 3.28 -2.23
C LEU C 15 6.96 4.11 -1.69
N LEU C 16 6.65 5.18 -0.98
CA LEU C 16 7.69 6.01 -0.37
C LEU C 16 8.28 5.33 0.86
N SER C 17 7.46 4.53 1.54
CA SER C 17 7.90 3.78 2.70
C SER C 17 8.74 2.58 2.29
N PHE C 18 8.65 2.23 1.00
CA PHE C 18 9.38 1.09 0.45
C PHE C 18 10.89 1.31 0.51
N LEU C 19 11.30 2.58 0.48
CA LEU C 19 12.70 2.93 0.67
C LEU C 19 13.04 2.94 2.17
N PRO C 20 14.29 2.59 2.50
CA PRO C 20 14.73 2.60 3.90
C PRO C 20 14.73 4.01 4.47
N SER C 21 14.50 4.14 5.77
CA SER C 21 14.33 5.46 6.39
C SER C 21 15.65 6.22 6.56
N ASP C 22 16.76 5.57 6.23
CA ASP C 22 18.08 6.17 6.38
C ASP C 22 18.58 6.67 5.03
N PHE C 23 17.64 6.98 4.16
CA PHE C 23 17.91 7.20 2.75
C PHE C 23 17.71 8.67 2.40
N PHE C 24 16.48 9.15 2.62
CA PHE C 24 16.13 10.54 2.38
C PHE C 24 16.98 11.44 3.28
N PRO C 25 17.63 12.45 2.68
CA PRO C 25 18.53 13.35 3.39
C PRO C 25 17.81 14.16 4.47
N SER C 26 18.58 14.84 5.32
CA SER C 26 18.02 15.61 6.43
C SER C 26 17.15 16.76 5.93
N VAL C 27 16.28 17.26 6.80
CA VAL C 27 15.39 18.36 6.43
C VAL C 27 16.18 19.63 6.17
N ARG C 28 17.24 19.83 6.96
CA ARG C 28 18.10 21.00 6.81
C ARG C 28 18.80 20.94 5.46
N ASP C 29 19.03 19.73 4.97
CA ASP C 29 19.55 19.52 3.63
C ASP C 29 18.49 19.84 2.59
N LEU C 30 17.32 19.21 2.72
CA LEU C 30 16.23 19.39 1.77
C LEU C 30 15.78 20.85 1.62
N LEU C 31 15.68 21.56 2.74
CA LEU C 31 15.28 22.96 2.71
C LEU C 31 16.33 23.83 2.02
N ASP C 32 17.61 23.45 2.17
CA ASP C 32 18.69 24.16 1.52
C ASP C 32 18.69 23.90 0.01
N THR C 33 18.07 22.81 -0.40
CA THR C 33 18.02 22.43 -1.82
C THR C 33 17.12 23.37 -2.61
N ALA C 34 15.91 23.57 -2.09
CA ALA C 34 14.92 24.40 -2.77
C ALA C 34 15.40 25.83 -2.90
N ALA C 35 15.90 26.38 -1.80
CA ALA C 35 16.42 27.75 -1.79
C ALA C 35 17.64 27.89 -2.70
N ALA C 36 18.21 26.76 -3.10
CA ALA C 36 19.36 26.75 -3.99
C ALA C 36 18.98 26.86 -5.46
N LEU C 37 18.06 26.00 -5.91
CA LEU C 37 17.74 25.91 -7.33
C LEU C 37 16.34 26.42 -7.69
N TYR C 38 15.52 26.71 -6.68
CA TYR C 38 14.11 27.02 -6.95
C TYR C 38 13.59 28.22 -6.18
N ARG C 39 14.46 28.90 -5.46
CA ARG C 39 14.07 30.02 -4.60
C ARG C 39 13.27 31.06 -5.36
N ASP C 40 13.69 31.34 -6.59
CA ASP C 40 12.97 32.27 -7.45
C ASP C 40 11.65 31.64 -7.91
N ALA C 41 11.71 30.36 -8.23
CA ALA C 41 10.56 29.64 -8.76
C ALA C 41 9.45 29.45 -7.73
N LEU C 42 9.84 29.44 -6.45
CA LEU C 42 8.88 29.21 -5.38
C LEU C 42 8.24 30.50 -4.90
N GLU C 43 9.04 31.57 -4.82
CA GLU C 43 8.53 32.87 -4.44
C GLU C 43 7.86 33.54 -5.62
N SER C 44 7.84 32.84 -6.75
CA SER C 44 7.12 33.26 -7.95
C SER C 44 5.62 33.32 -7.72
N PRO C 45 4.93 34.24 -8.39
CA PRO C 45 3.48 34.40 -8.24
C PRO C 45 2.62 33.55 -9.18
N GLU C 46 3.20 32.59 -9.89
CA GLU C 46 2.40 31.65 -10.69
C GLU C 46 2.74 30.20 -10.36
N HIS C 47 1.72 29.43 -10.01
CA HIS C 47 1.87 28.00 -9.76
C HIS C 47 2.47 27.30 -10.97
N ALA C 48 3.80 27.24 -11.01
CA ALA C 48 4.53 26.68 -12.14
C ALA C 48 4.13 25.23 -12.44
N SER C 49 3.69 24.52 -11.41
CA SER C 49 3.31 23.12 -11.53
C SER C 49 2.46 22.75 -10.32
N PRO C 50 1.90 21.53 -10.31
CA PRO C 50 1.31 21.08 -9.05
C PRO C 50 2.40 20.76 -8.02
N HIS C 51 3.61 20.49 -8.50
CA HIS C 51 4.73 20.19 -7.63
C HIS C 51 5.17 21.42 -6.86
N HIS C 52 5.37 22.52 -7.57
CA HIS C 52 5.76 23.78 -6.95
C HIS C 52 4.77 24.18 -5.86
N THR C 53 3.48 24.00 -6.15
CA THR C 53 2.42 24.30 -5.20
C THR C 53 2.51 23.45 -3.95
N ALA C 54 2.53 22.13 -4.14
CA ALA C 54 2.59 21.20 -3.01
C ALA C 54 3.86 21.36 -2.19
N LEU C 55 4.96 21.69 -2.86
CA LEU C 55 6.25 21.87 -2.18
C LEU C 55 6.29 23.16 -1.37
N ARG C 56 5.64 24.20 -1.89
CA ARG C 56 5.52 25.46 -1.16
C ARG C 56 4.72 25.27 0.12
N GLN C 57 3.60 24.57 0.00
CA GLN C 57 2.73 24.28 1.14
C GLN C 57 3.44 23.39 2.15
N ALA C 58 4.33 22.54 1.67
CA ALA C 58 5.08 21.62 2.52
C ALA C 58 6.15 22.34 3.33
N ILE C 59 6.85 23.27 2.68
CA ILE C 59 7.90 24.05 3.35
C ILE C 59 7.30 24.94 4.44
N LEU C 60 6.11 25.46 4.20
CA LEU C 60 5.44 26.30 5.17
C LEU C 60 4.85 25.47 6.31
N ALA C 61 4.31 24.30 5.98
CA ALA C 61 3.79 23.39 6.99
C ALA C 61 4.90 22.95 7.93
N TRP C 62 6.10 22.79 7.38
CA TRP C 62 7.27 22.44 8.18
C TRP C 62 7.74 23.64 9.01
N GLY C 63 7.60 24.83 8.44
CA GLY C 63 7.95 26.04 9.14
C GLY C 63 7.07 26.26 10.35
N ASP C 64 5.84 25.78 10.27
CA ASP C 64 4.91 25.84 11.38
C ASP C 64 5.27 24.82 12.46
N LEU C 65 6.09 23.84 12.09
CA LEU C 65 6.51 22.80 13.03
C LEU C 65 7.80 23.15 13.76
N MET C 66 8.60 24.03 13.16
CA MET C 66 9.79 24.53 13.84
C MET C 66 9.43 25.77 14.66
N THR C 67 8.21 26.26 14.45
CA THR C 67 7.66 27.35 15.25
C THR C 67 7.02 26.77 16.50
N LEU C 68 6.46 25.57 16.38
CA LEU C 68 5.87 24.87 17.52
C LEU C 68 6.95 24.24 18.39
N ALA C 69 7.98 23.71 17.74
CA ALA C 69 9.09 23.08 18.46
C ALA C 69 9.89 24.13 19.23
N THR C 70 9.67 25.39 18.90
CA THR C 70 10.37 26.49 19.55
C THR C 70 9.52 27.11 20.67
N TRP C 71 8.19 27.08 20.52
CA TRP C 71 7.31 27.69 21.52
C TRP C 71 7.00 26.75 22.69
N VAL C 72 7.10 25.44 22.47
CA VAL C 72 7.02 24.50 23.58
C VAL C 72 8.23 24.71 24.45
N GLY C 73 9.38 24.90 23.81
CA GLY C 73 10.63 25.07 24.53
C GLY C 73 10.84 26.41 25.18
N THR C 74 10.13 27.44 24.72
CA THR C 74 10.41 28.81 25.18
C THR C 74 9.49 29.39 26.25
N ASN C 75 9.08 28.55 27.19
CA ASN C 75 8.61 28.99 28.50
C ASN C 75 8.92 27.87 29.47
N LEU C 76 9.10 26.66 28.94
CA LEU C 76 9.27 25.47 29.75
C LEU C 76 10.72 25.19 30.12
N GLU C 77 10.93 24.11 30.87
CA GLU C 77 12.26 23.72 31.31
C GLU C 77 12.20 22.47 32.18
N ASP C 78 10.99 21.94 32.38
CA ASP C 78 10.78 20.75 33.19
C ASP C 78 11.74 19.64 32.77
N PRO C 79 11.46 19.04 31.53
CA PRO C 79 12.44 18.00 31.17
C PRO C 79 13.52 18.56 30.25
N ALA C 80 13.11 19.06 29.09
CA ALA C 80 14.03 19.72 28.17
C ALA C 80 13.49 20.96 27.40
N SER C 81 12.41 20.86 26.63
CA SER C 81 11.63 19.66 26.33
C SER C 81 10.93 19.82 24.97
N ARG C 82 11.52 19.40 23.85
CA ARG C 82 12.86 18.81 23.69
C ARG C 82 13.12 17.47 24.41
N ASP C 83 12.03 16.80 24.78
CA ASP C 83 12.12 15.50 25.45
C ASP C 83 11.29 14.49 24.66
N LEU C 84 9.98 14.59 24.82
CA LEU C 84 9.04 13.78 24.06
C LEU C 84 8.30 14.75 23.14
N VAL C 85 8.97 15.85 22.83
CA VAL C 85 8.36 16.96 22.10
C VAL C 85 9.14 17.32 20.83
N VAL C 86 10.28 17.99 21.02
CA VAL C 86 11.12 18.44 19.90
C VAL C 86 12.05 17.30 19.47
N SER C 87 11.63 16.08 19.77
CA SER C 87 12.28 14.89 19.26
C SER C 87 11.33 14.19 18.30
N TYR C 88 10.09 13.99 18.77
CA TYR C 88 9.04 13.39 17.96
C TYR C 88 8.79 14.17 16.68
N VAL C 89 8.84 15.50 16.78
CA VAL C 89 8.69 16.37 15.62
C VAL C 89 9.84 16.15 14.64
N ASN C 90 10.98 15.89 15.25
CA ASN C 90 12.19 15.69 14.52
C ASN C 90 12.54 14.24 14.63
N THR C 91 11.56 13.42 14.41
CA THR C 91 11.77 11.97 14.25
C THR C 91 10.75 11.29 13.33
N ASN C 92 9.46 11.46 13.65
CA ASN C 92 8.42 10.69 13.00
C ASN C 92 7.74 11.39 11.82
N MET C 93 7.29 12.62 12.03
CA MET C 93 6.80 13.42 10.92
C MET C 93 7.97 14.08 10.23
N GLY C 94 9.11 14.09 10.93
CA GLY C 94 10.35 14.56 10.35
C GLY C 94 10.74 13.70 9.16
N LEU C 95 10.58 12.39 9.31
CA LEU C 95 10.80 11.46 8.21
C LEU C 95 9.83 11.73 7.07
N LYS C 96 8.58 12.01 7.42
CA LYS C 96 7.55 12.30 6.43
C LYS C 96 7.86 13.57 5.65
N PHE C 97 8.37 14.59 6.35
CA PHE C 97 8.74 15.84 5.70
C PHE C 97 10.11 15.74 5.03
N ARG C 98 10.79 14.61 5.21
CA ARG C 98 12.01 14.33 4.45
C ARG C 98 11.63 13.59 3.18
N GLN C 99 10.66 12.67 3.32
CA GLN C 99 10.13 11.93 2.19
C GLN C 99 9.45 12.88 1.20
N LEU C 100 8.55 13.70 1.71
CA LEU C 100 7.79 14.61 0.85
C LEU C 100 8.65 15.71 0.24
N LEU C 101 9.41 16.41 1.08
CA LEU C 101 10.28 17.49 0.61
C LEU C 101 11.29 17.00 -0.41
N TRP C 102 11.66 15.73 -0.31
CA TRP C 102 12.53 15.14 -1.31
C TRP C 102 11.79 14.93 -2.62
N PHE C 103 10.76 14.09 -2.57
CA PHE C 103 9.99 13.67 -3.73
C PHE C 103 9.68 14.79 -4.72
N HIS C 104 9.09 15.87 -4.23
CA HIS C 104 8.74 17.01 -5.06
C HIS C 104 9.96 17.74 -5.61
N ILE C 105 10.96 17.96 -4.75
CA ILE C 105 12.19 18.62 -5.15
C ILE C 105 12.91 17.82 -6.25
N SER C 106 12.73 16.51 -6.21
CA SER C 106 13.36 15.61 -7.18
C SER C 106 12.68 15.70 -8.54
N ALA C 107 11.36 15.57 -8.54
CA ALA C 107 10.58 15.56 -9.78
C ALA C 107 10.78 16.84 -10.60
N LEU C 108 11.03 17.94 -9.91
CA LEU C 108 11.32 19.20 -10.57
C LEU C 108 12.65 19.14 -11.30
N THR C 109 13.60 18.41 -10.72
CA THR C 109 14.97 18.37 -11.24
C THR C 109 15.27 17.09 -12.00
N PHE C 110 14.25 16.26 -12.20
CA PHE C 110 14.49 14.94 -12.80
C PHE C 110 13.40 14.45 -13.72
N GLY C 111 12.15 14.71 -13.36
CA GLY C 111 11.03 14.23 -14.14
C GLY C 111 10.17 13.28 -13.33
N ARG C 112 8.90 13.67 -13.18
CA ARG C 112 7.87 12.88 -12.50
C ARG C 112 7.99 11.38 -12.72
N GLU C 113 8.18 10.99 -13.97
CA GLU C 113 8.28 9.58 -14.33
C GLU C 113 9.62 8.96 -13.91
N THR C 114 10.71 9.66 -14.17
CA THR C 114 12.04 9.14 -13.86
C THR C 114 12.19 8.90 -12.37
N VAL C 115 11.54 9.74 -11.56
CA VAL C 115 11.53 9.60 -10.11
C VAL C 115 10.88 8.29 -9.68
N LEU C 116 9.70 8.02 -10.24
CA LEU C 116 8.95 6.82 -9.89
C LEU C 116 9.62 5.55 -10.41
N GLU C 117 10.26 5.65 -11.59
CA GLU C 117 11.01 4.55 -12.15
C GLU C 117 12.19 4.20 -11.25
N TYR C 118 12.70 5.20 -10.54
CA TYR C 118 13.88 5.04 -9.70
C TYR C 118 13.54 4.51 -8.31
N LEU C 119 12.45 5.04 -7.75
CA LEU C 119 11.98 4.62 -6.42
C LEU C 119 11.85 3.10 -6.36
N VAL C 120 11.35 2.52 -7.45
CA VAL C 120 11.30 1.08 -7.58
C VAL C 120 12.69 0.52 -7.86
N SER C 121 13.40 1.17 -8.78
CA SER C 121 14.72 0.70 -9.22
C SER C 121 15.71 0.62 -8.06
N PHE C 122 15.67 1.59 -7.16
CA PHE C 122 16.43 1.47 -5.91
C PHE C 122 15.73 0.43 -5.06
N GLY C 123 14.84 0.91 -4.18
CA GLY C 123 14.04 0.09 -3.27
C GLY C 123 14.23 -1.42 -3.24
N VAL C 124 14.26 -2.03 -4.42
CA VAL C 124 14.46 -3.47 -4.54
C VAL C 124 15.94 -3.83 -4.71
N TRP C 125 16.75 -2.88 -5.19
CA TRP C 125 18.19 -3.09 -5.29
C TRP C 125 18.77 -3.34 -3.91
N ILE C 126 18.29 -2.56 -2.94
CA ILE C 126 18.74 -2.70 -1.57
C ILE C 126 18.17 -3.99 -0.97
N ARG C 127 17.12 -4.51 -1.58
CA ARG C 127 16.50 -5.77 -1.16
C ARG C 127 17.04 -6.94 -1.96
N THR C 128 18.30 -6.84 -2.39
CA THR C 128 18.91 -7.87 -3.21
C THR C 128 20.20 -8.38 -2.57
N PRO C 129 20.30 -9.72 -2.42
CA PRO C 129 21.51 -10.39 -1.91
C PRO C 129 22.77 -9.90 -2.62
N PRO C 130 23.76 -9.42 -1.86
CA PRO C 130 24.93 -8.68 -2.33
C PRO C 130 25.76 -9.42 -3.38
N ALA C 131 25.85 -10.74 -3.27
CA ALA C 131 26.69 -11.52 -4.17
C ALA C 131 26.27 -11.41 -5.64
N TYR C 132 25.01 -11.06 -5.86
CA TYR C 132 24.46 -11.02 -7.21
C TYR C 132 23.78 -9.69 -7.51
N ARG C 133 24.52 -8.60 -7.40
CA ARG C 133 23.97 -7.27 -7.71
C ARG C 133 25.07 -6.34 -8.19
N PRO C 134 24.69 -5.23 -8.85
CA PRO C 134 25.68 -4.20 -9.21
C PRO C 134 26.44 -3.76 -7.97
N PRO C 135 27.76 -3.56 -8.11
CA PRO C 135 28.67 -3.22 -7.01
C PRO C 135 28.10 -2.11 -6.13
N ASN C 136 27.90 -0.93 -6.71
CA ASN C 136 27.26 0.17 -6.00
C ASN C 136 25.82 0.37 -6.47
N ALA C 137 25.12 1.29 -5.83
CA ALA C 137 23.71 1.52 -6.10
C ALA C 137 23.42 1.91 -7.55
N PRO C 138 22.17 1.69 -7.99
CA PRO C 138 21.74 2.28 -9.26
C PRO C 138 21.43 3.74 -9.00
N ILE C 139 21.80 4.63 -9.91
CA ILE C 139 21.70 6.04 -9.61
C ILE C 139 21.03 6.87 -10.69
N LEU C 140 20.07 7.69 -10.25
CA LEU C 140 19.21 8.49 -11.11
C LEU C 140 19.97 9.31 -12.14
N SER C 141 19.52 9.23 -13.40
CA SER C 141 20.14 9.93 -14.50
C SER C 141 19.13 10.85 -15.18
N THR C 142 18.26 10.24 -15.98
CA THR C 142 17.12 10.91 -16.61
C THR C 142 16.37 9.92 -17.51
N MET D 1 13.85 31.51 2.88
CA MET D 1 13.06 32.04 1.77
C MET D 1 11.62 32.32 2.19
N ASP D 2 11.13 33.50 1.82
CA ASP D 2 9.78 33.92 2.19
C ASP D 2 8.76 33.44 1.17
N ILE D 3 8.11 32.33 1.48
CA ILE D 3 7.09 31.77 0.59
C ILE D 3 5.69 32.13 1.08
N ASP D 4 4.98 32.93 0.28
CA ASP D 4 3.60 33.27 0.58
C ASP D 4 2.68 32.24 -0.08
N PRO D 5 1.88 31.52 0.73
CA PRO D 5 1.04 30.44 0.23
C PRO D 5 -0.15 30.97 -0.57
N TYR D 6 -0.39 32.27 -0.48
CA TYR D 6 -1.50 32.90 -1.18
C TYR D 6 -1.04 33.60 -2.46
N LYS D 7 0.27 33.73 -2.62
CA LYS D 7 0.83 34.51 -3.73
C LYS D 7 0.46 33.94 -5.10
N GLU D 8 0.58 32.63 -5.25
CA GLU D 8 0.27 31.98 -6.52
C GLU D 8 -1.21 32.03 -6.88
N PHE D 9 -2.04 32.46 -5.93
CA PHE D 9 -3.48 32.52 -6.15
C PHE D 9 -4.01 33.95 -6.26
N GLY D 10 -3.10 34.89 -6.53
CA GLY D 10 -3.48 36.27 -6.77
C GLY D 10 -3.77 37.06 -5.52
N ALA D 11 -3.44 36.50 -4.36
CA ALA D 11 -3.63 37.18 -3.09
C ALA D 11 -2.33 37.21 -2.29
N THR D 12 -2.39 37.80 -1.11
CA THR D 12 -1.25 37.77 -0.19
C THR D 12 -1.73 37.53 1.23
N VAL D 13 -0.80 37.20 2.12
CA VAL D 13 -1.13 36.99 3.53
C VAL D 13 -1.58 38.31 4.16
N GLU D 14 -1.02 39.41 3.66
CA GLU D 14 -1.38 40.75 4.11
C GLU D 14 -2.86 41.02 3.85
N LEU D 15 -3.40 40.36 2.82
CA LEU D 15 -4.81 40.52 2.46
C LEU D 15 -5.75 39.76 3.39
N LEU D 16 -5.49 38.48 3.59
CA LEU D 16 -6.35 37.68 4.46
C LEU D 16 -6.20 38.06 5.94
N SER D 17 -5.27 38.97 6.21
CA SER D 17 -5.11 39.52 7.54
C SER D 17 -6.23 40.54 7.78
N PHE D 18 -6.91 40.91 6.71
CA PHE D 18 -7.94 41.94 6.76
C PHE D 18 -9.21 41.45 7.45
N LEU D 19 -9.78 40.37 6.93
CA LEU D 19 -10.93 39.74 7.57
C LEU D 19 -10.57 39.48 9.02
N PRO D 20 -11.27 40.16 9.95
CA PRO D 20 -10.96 40.07 11.38
C PRO D 20 -10.90 38.63 11.85
N SER D 21 -9.77 38.27 12.46
CA SER D 21 -9.42 36.88 12.79
C SER D 21 -10.54 35.97 13.35
N ASP D 22 -11.64 36.58 13.79
CA ASP D 22 -12.78 35.81 14.30
C ASP D 22 -13.89 35.66 13.27
N PHE D 23 -13.55 35.90 12.00
CA PHE D 23 -14.53 35.78 10.92
C PHE D 23 -14.59 34.36 10.36
N PHE D 24 -13.43 33.71 10.29
CA PHE D 24 -13.34 32.36 9.74
C PHE D 24 -13.95 31.34 10.70
N PRO D 25 -14.81 30.46 10.17
CA PRO D 25 -15.47 29.41 10.98
C PRO D 25 -14.49 28.39 11.59
N SER D 26 -15.03 27.50 12.43
CA SER D 26 -14.22 26.52 13.15
C SER D 26 -13.59 25.51 12.20
N VAL D 27 -12.41 24.99 12.58
CA VAL D 27 -11.67 24.07 11.74
C VAL D 27 -12.47 22.83 11.34
N ARG D 28 -13.30 22.33 12.27
CA ARG D 28 -14.15 21.17 12.01
C ARG D 28 -15.24 21.49 10.99
N ASP D 29 -15.87 22.66 11.13
CA ASP D 29 -16.86 23.11 10.16
C ASP D 29 -16.25 23.24 8.77
N LEU D 30 -14.99 23.70 8.74
CA LEU D 30 -14.23 23.79 7.50
C LEU D 30 -14.05 22.40 6.87
N LEU D 31 -13.48 21.49 7.64
CA LEU D 31 -13.19 20.14 7.16
C LEU D 31 -14.44 19.38 6.71
N ASP D 32 -15.52 19.51 7.46
CA ASP D 32 -16.79 18.89 7.10
C ASP D 32 -17.25 19.38 5.73
N THR D 33 -17.13 20.67 5.51
CA THR D 33 -17.48 21.29 4.24
C THR D 33 -16.61 20.72 3.12
N ALA D 34 -15.34 20.49 3.43
CA ALA D 34 -14.42 19.90 2.46
C ALA D 34 -14.83 18.47 2.13
N ALA D 35 -15.39 17.78 3.12
CA ALA D 35 -15.87 16.41 2.93
C ALA D 35 -17.19 16.44 2.16
N ALA D 36 -18.04 17.39 2.48
CA ALA D 36 -19.37 17.47 1.88
C ALA D 36 -19.31 17.79 0.38
N LEU D 37 -18.33 18.59 -0.03
CA LEU D 37 -18.31 19.10 -1.39
C LEU D 37 -17.14 18.61 -2.24
N TYR D 38 -16.04 18.22 -1.60
CA TYR D 38 -14.81 17.95 -2.36
C TYR D 38 -14.07 16.66 -1.99
N ARG D 39 -14.65 15.86 -1.10
CA ARG D 39 -14.02 14.62 -0.64
C ARG D 39 -13.50 13.74 -1.77
N ASP D 40 -14.36 13.49 -2.75
CA ASP D 40 -14.02 12.63 -3.88
C ASP D 40 -12.87 13.21 -4.69
N ALA D 41 -12.92 14.52 -4.93
CA ALA D 41 -11.89 15.19 -5.70
C ALA D 41 -10.56 15.25 -4.96
N LEU D 42 -10.63 15.14 -3.63
CA LEU D 42 -9.43 15.19 -2.80
C LEU D 42 -8.72 13.85 -2.73
N GLU D 43 -9.43 12.79 -3.10
CA GLU D 43 -8.87 11.45 -3.06
C GLU D 43 -8.65 10.92 -4.47
N SER D 44 -8.86 11.79 -5.45
CA SER D 44 -8.64 11.46 -6.85
C SER D 44 -7.15 11.45 -7.19
N PRO D 45 -6.78 10.69 -8.24
CA PRO D 45 -5.38 10.70 -8.70
C PRO D 45 -5.10 11.83 -9.69
N GLU D 46 -5.96 12.84 -9.73
CA GLU D 46 -5.77 13.97 -10.63
C GLU D 46 -5.68 15.30 -9.88
N HIS D 47 -4.53 15.96 -9.99
CA HIS D 47 -4.33 17.28 -9.41
C HIS D 47 -5.39 18.22 -9.94
N ALA D 48 -6.59 18.14 -9.37
CA ALA D 48 -7.79 18.81 -9.89
C ALA D 48 -7.60 20.30 -10.15
N SER D 49 -6.73 20.93 -9.38
CA SER D 49 -6.42 22.35 -9.53
C SER D 49 -5.23 22.68 -8.66
N PRO D 50 -4.66 23.89 -8.84
CA PRO D 50 -3.70 24.35 -7.83
C PRO D 50 -4.39 24.52 -6.48
N HIS D 51 -5.70 24.81 -6.50
CA HIS D 51 -6.48 24.93 -5.28
C HIS D 51 -6.62 23.59 -4.56
N HIS D 52 -6.99 22.57 -5.31
CA HIS D 52 -7.16 21.22 -4.75
C HIS D 52 -5.86 20.70 -4.15
N THR D 53 -4.76 20.90 -4.87
CA THR D 53 -3.45 20.43 -4.44
C THR D 53 -3.04 21.07 -3.12
N ALA D 54 -3.13 22.40 -3.05
CA ALA D 54 -2.76 23.13 -1.85
C ALA D 54 -3.67 22.78 -0.67
N LEU D 55 -4.95 22.57 -0.95
CA LEU D 55 -5.91 22.21 0.09
C LEU D 55 -5.67 20.79 0.59
N ARG D 56 -5.28 19.89 -0.33
CA ARG D 56 -4.89 18.54 0.04
C ARG D 56 -3.70 18.57 0.98
N GLN D 57 -2.69 19.35 0.60
CA GLN D 57 -1.46 19.48 1.37
C GLN D 57 -1.68 20.29 2.65
N ALA D 58 -2.86 20.90 2.77
CA ALA D 58 -3.19 21.69 3.96
C ALA D 58 -4.03 20.90 4.95
N ILE D 59 -5.03 20.18 4.44
CA ILE D 59 -5.82 19.28 5.26
C ILE D 59 -4.89 18.24 5.88
N LEU D 60 -3.92 17.81 5.09
CA LEU D 60 -2.92 16.86 5.57
C LEU D 60 -1.86 17.52 6.44
N ALA D 61 -1.65 18.82 6.24
CA ALA D 61 -0.75 19.57 7.11
C ALA D 61 -1.36 19.63 8.50
N TRP D 62 -2.66 19.91 8.54
CA TRP D 62 -3.43 19.86 9.78
C TRP D 62 -3.67 18.39 10.12
N GLY D 63 -3.60 17.54 9.10
CA GLY D 63 -3.64 16.09 9.30
C GLY D 63 -2.34 15.61 9.88
N ASP D 64 -1.34 16.49 9.89
CA ASP D 64 -0.08 16.27 10.59
C ASP D 64 -0.13 17.02 11.91
N LEU D 65 -1.28 17.61 12.22
CA LEU D 65 -1.43 18.43 13.42
C LEU D 65 -2.75 18.17 14.16
N MET D 66 -2.95 16.94 14.61
CA MET D 66 -4.12 16.59 15.43
C MET D 66 -4.01 15.62 16.64
N THR D 67 -3.02 14.73 16.79
CA THR D 67 -1.89 14.37 15.91
C THR D 67 -0.64 15.31 15.96
N LEU D 68 -0.87 16.58 16.27
CA LEU D 68 0.17 17.56 16.66
C LEU D 68 -0.35 19.00 16.74
N ALA D 69 -1.34 19.26 17.59
CA ALA D 69 -1.82 20.63 17.75
C ALA D 69 -2.29 21.14 19.15
N THR D 70 -3.16 20.44 19.90
CA THR D 70 -3.73 19.10 19.72
C THR D 70 -2.73 17.95 19.66
N TRP D 71 -2.09 17.72 20.81
CA TRP D 71 -1.00 16.77 20.94
C TRP D 71 -0.62 16.82 22.42
N VAL D 72 0.15 15.84 22.88
CA VAL D 72 0.42 15.62 24.31
C VAL D 72 -0.84 15.10 25.00
N GLY D 73 -0.72 13.92 25.60
CA GLY D 73 -1.85 13.29 26.25
C GLY D 73 -1.68 11.78 26.27
N THR D 74 -1.09 11.25 25.21
CA THR D 74 -0.82 9.81 25.09
C THR D 74 0.66 9.53 25.24
N ASN D 75 1.46 10.58 25.30
CA ASN D 75 2.91 10.44 25.40
C ASN D 75 3.55 11.32 26.46
N LEU D 76 2.91 12.44 26.78
CA LEU D 76 3.43 13.28 27.86
C LEU D 76 2.80 12.92 29.20
N GLU D 77 3.62 12.37 30.07
CA GLU D 77 3.22 11.97 31.42
C GLU D 77 2.62 13.15 32.16
N ASP D 78 3.24 14.31 31.98
CA ASP D 78 2.78 15.53 32.61
C ASP D 78 1.51 16.05 31.94
N PRO D 79 0.39 16.02 32.66
CA PRO D 79 -0.87 16.52 32.10
C PRO D 79 -0.84 18.03 32.00
N ALA D 80 -0.26 18.69 33.00
CA ALA D 80 -0.22 20.15 33.04
C ALA D 80 1.09 20.71 32.51
N SER D 81 1.50 21.85 33.07
CA SER D 81 2.59 22.67 32.54
C SER D 81 2.33 23.11 31.10
N ARG D 82 1.12 22.85 30.63
CA ARG D 82 0.64 23.36 29.36
C ARG D 82 -0.50 24.33 29.62
N ASP D 83 -0.16 25.60 29.80
CA ASP D 83 -1.15 26.66 29.93
C ASP D 83 -1.30 27.31 28.56
N LEU D 84 -0.18 27.41 27.85
CA LEU D 84 -0.21 27.90 26.47
C LEU D 84 0.59 27.03 25.51
N VAL D 85 0.62 25.72 25.75
CA VAL D 85 0.99 24.79 24.69
C VAL D 85 0.01 25.00 23.51
N VAL D 86 -1.30 24.73 23.61
CA VAL D 86 -2.01 23.67 24.36
C VAL D 86 -2.95 22.92 23.39
N SER D 87 -3.89 23.57 22.65
CA SER D 87 -4.23 25.02 22.54
C SER D 87 -3.16 26.05 22.11
N TYR D 88 -3.40 27.32 22.43
CA TYR D 88 -2.54 28.44 22.01
C TYR D 88 -2.12 28.42 20.55
N VAL D 89 -1.32 27.42 20.18
CA VAL D 89 -0.97 27.18 18.80
C VAL D 89 -2.26 26.85 18.06
N ASN D 90 -3.21 26.29 18.80
CA ASN D 90 -4.56 26.05 18.30
C ASN D 90 -5.40 27.33 18.36
N THR D 91 -4.75 28.45 18.62
CA THR D 91 -5.42 29.74 18.71
C THR D 91 -4.68 30.82 17.91
N ASN D 92 -3.43 31.07 18.28
CA ASN D 92 -2.63 32.10 17.62
C ASN D 92 -1.89 31.60 16.39
N MET D 93 -1.92 30.29 16.17
CA MET D 93 -1.22 29.70 15.02
C MET D 93 -2.14 28.80 14.20
N GLY D 94 -3.06 28.11 14.89
CA GLY D 94 -4.04 27.27 14.23
C GLY D 94 -5.16 28.11 13.64
N LEU D 95 -4.84 29.37 13.35
CA LEU D 95 -5.75 30.30 12.71
C LEU D 95 -5.35 30.43 11.26
N LYS D 96 -4.05 30.27 10.99
CA LYS D 96 -3.54 30.22 9.63
C LYS D 96 -4.25 29.14 8.86
N PHE D 97 -4.41 27.98 9.48
CA PHE D 97 -5.10 26.86 8.86
C PHE D 97 -6.55 27.19 8.55
N ARG D 98 -7.22 27.89 9.45
CA ARG D 98 -8.61 28.29 9.22
C ARG D 98 -8.72 29.31 8.09
N GLN D 99 -7.72 30.17 7.96
CA GLN D 99 -7.65 31.12 6.84
C GLN D 99 -7.50 30.38 5.53
N LEU D 100 -6.50 29.50 5.46
CA LEU D 100 -6.22 28.73 4.25
C LEU D 100 -7.39 27.83 3.89
N LEU D 101 -7.93 27.12 4.88
CA LEU D 101 -9.05 26.22 4.66
C LEU D 101 -10.29 26.97 4.15
N TRP D 102 -10.46 28.21 4.59
CA TRP D 102 -11.56 29.03 4.08
C TRP D 102 -11.30 29.48 2.65
N PHE D 103 -10.16 30.15 2.46
CA PHE D 103 -9.78 30.71 1.16
C PHE D 103 -9.87 29.70 0.02
N HIS D 104 -9.20 28.57 0.18
CA HIS D 104 -9.18 27.55 -0.85
C HIS D 104 -10.54 26.90 -1.09
N ILE D 105 -11.27 26.62 -0.01
CA ILE D 105 -12.61 26.06 -0.13
C ILE D 105 -13.56 27.05 -0.79
N SER D 106 -13.52 28.30 -0.33
CA SER D 106 -14.37 29.35 -0.89
C SER D 106 -14.13 29.55 -2.39
N ALA D 107 -12.87 29.51 -2.79
CA ALA D 107 -12.50 29.68 -4.19
C ALA D 107 -12.95 28.50 -5.04
N LEU D 108 -12.98 27.32 -4.43
CA LEU D 108 -13.42 26.12 -5.13
C LEU D 108 -14.93 26.10 -5.30
N THR D 109 -15.63 26.91 -4.51
CA THR D 109 -17.08 26.94 -4.54
C THR D 109 -17.60 28.15 -5.32
N PHE D 110 -16.84 29.24 -5.31
CA PHE D 110 -17.32 30.49 -5.89
C PHE D 110 -16.42 31.06 -6.99
N GLY D 111 -15.15 30.67 -6.99
CA GLY D 111 -14.22 31.13 -8.00
C GLY D 111 -13.11 31.98 -7.42
N ARG D 112 -11.90 31.82 -7.97
CA ARG D 112 -10.73 32.55 -7.48
C ARG D 112 -10.97 34.05 -7.50
N GLU D 113 -11.44 34.56 -8.63
CA GLU D 113 -11.71 36.00 -8.78
C GLU D 113 -12.85 36.46 -7.87
N THR D 114 -13.86 35.60 -7.71
CA THR D 114 -15.02 35.93 -6.88
C THR D 114 -14.61 36.11 -5.43
N VAL D 115 -13.70 35.25 -4.97
CA VAL D 115 -13.20 35.31 -3.60
C VAL D 115 -12.28 36.49 -3.39
N LEU D 116 -11.44 36.78 -4.38
CA LEU D 116 -10.53 37.92 -4.29
C LEU D 116 -11.28 39.25 -4.27
N GLU D 117 -12.46 39.27 -4.90
CA GLU D 117 -13.31 40.46 -4.87
C GLU D 117 -14.13 40.52 -3.58
N TYR D 118 -14.31 39.37 -2.95
CA TYR D 118 -15.01 39.30 -1.67
C TYR D 118 -14.07 39.67 -0.53
N LEU D 119 -12.81 39.26 -0.66
CA LEU D 119 -11.76 39.62 0.28
C LEU D 119 -11.74 41.12 0.44
N VAL D 120 -11.66 41.81 -0.69
CA VAL D 120 -11.69 43.27 -0.71
C VAL D 120 -13.00 43.81 -0.16
N SER D 121 -14.11 43.43 -0.81
CA SER D 121 -15.43 43.97 -0.50
C SER D 121 -15.82 43.90 0.99
N PHE D 122 -15.77 42.70 1.57
CA PHE D 122 -16.09 42.54 2.98
C PHE D 122 -15.10 43.31 3.84
N GLY D 123 -13.87 43.42 3.34
CA GLY D 123 -12.82 44.15 4.03
C GLY D 123 -13.19 45.60 4.28
N VAL D 124 -13.80 46.23 3.29
CA VAL D 124 -14.22 47.63 3.43
C VAL D 124 -15.49 47.76 4.25
N TRP D 125 -16.29 46.70 4.28
CA TRP D 125 -17.51 46.67 5.09
C TRP D 125 -17.16 46.81 6.57
N ILE D 126 -16.37 45.86 7.07
CA ILE D 126 -16.03 45.80 8.48
C ILE D 126 -15.15 46.98 8.92
N ARG D 127 -14.47 47.60 7.96
CA ARG D 127 -13.54 48.68 8.27
C ARG D 127 -14.26 50.01 8.47
N THR D 128 -15.55 50.03 8.18
CA THR D 128 -16.40 51.19 8.45
C THR D 128 -16.53 51.33 9.96
N PRO D 129 -16.73 52.57 10.45
CA PRO D 129 -17.16 52.65 11.84
C PRO D 129 -18.50 51.94 11.96
N PRO D 130 -18.74 51.23 13.07
CA PRO D 130 -20.01 50.54 13.28
C PRO D 130 -21.16 51.55 13.26
N ALA D 131 -21.39 52.15 12.10
CA ALA D 131 -22.23 53.34 12.01
C ALA D 131 -23.38 53.18 11.04
N TYR D 132 -23.48 54.13 10.11
CA TYR D 132 -24.58 54.20 9.17
C TYR D 132 -24.67 52.95 8.30
N ARG D 133 -23.79 52.88 7.30
CA ARG D 133 -23.77 51.75 6.38
C ARG D 133 -23.21 50.52 7.05
N PRO D 134 -23.90 49.38 6.92
CA PRO D 134 -25.28 49.18 6.49
C PRO D 134 -25.93 48.19 7.46
N PRO D 135 -27.08 47.60 7.10
CA PRO D 135 -27.48 46.44 7.91
C PRO D 135 -26.83 45.14 7.42
N ASN D 136 -27.01 44.84 6.14
CA ASN D 136 -26.50 43.61 5.54
C ASN D 136 -25.04 43.67 5.15
N ALA D 137 -24.41 42.51 5.04
CA ALA D 137 -23.00 42.44 4.68
C ALA D 137 -22.83 41.68 3.36
N PRO D 138 -21.69 41.89 2.68
CA PRO D 138 -21.38 41.07 1.51
C PRO D 138 -21.19 39.61 1.92
N ILE D 139 -21.63 38.69 1.07
CA ILE D 139 -21.51 37.26 1.36
C ILE D 139 -21.46 36.45 0.08
N LEU D 140 -20.61 35.42 0.06
CA LEU D 140 -20.54 34.50 -1.06
C LEU D 140 -21.83 33.70 -1.15
N SER D 141 -22.47 33.73 -2.32
CA SER D 141 -23.71 32.99 -2.53
C SER D 141 -24.04 32.78 -3.99
N THR D 142 -25.32 32.50 -4.26
CA THR D 142 -25.80 32.30 -5.62
C THR D 142 -27.12 33.04 -5.80
N LEU D 143 -27.02 34.36 -5.96
CA LEU D 143 -28.20 35.21 -6.11
C LEU D 143 -28.63 35.26 -7.58
#